data_2NLL
#
_entry.id   2NLL
#
_cell.length_a   40.900
_cell.length_b   65.600
_cell.length_c   125.700
_cell.angle_alpha   90.00
_cell.angle_beta   90.00
_cell.angle_gamma   90.00
#
_symmetry.space_group_name_H-M   'P 21 21 21'
#
loop_
_entity.id
_entity.type
_entity.pdbx_description
1 polymer "DNA (5'-D(*CP*AP*GP*GP*TP*CP*AP*TP*TP*(5IU)P*CP*AP*GP*GP*TP*CP*AP*G)-3')"
2 polymer "DNA (5'-D(*CP*TP*GP*AP*CP*CP*TP*GP*AP*AP*AP*TP*GP*AP*CP*CP*T P*G)-3')"
3 polymer 'PROTEIN (RETINOIC ACID RECEPTOR)'
4 polymer 'PROTEIN (THYROID HORMONE RECEPTOR)'
5 non-polymer 'ZINC ION'
6 water water
#
loop_
_entity_poly.entity_id
_entity_poly.type
_entity_poly.pdbx_seq_one_letter_code
_entity_poly.pdbx_strand_id
1 'polydeoxyribonucleotide' (DC)(DA)(DG)(DG)(DT)(DC)(DA)(DT)(DT)(5IU)(DC)(DA)(DG)(DG)(DT)(DC)(DA)(DG) C
2 'polydeoxyribonucleotide' (DC)(DT)(DG)(DA)(DC)(DC)(DT)(DG)(DA)(DA)(DA)(DT)(DG)(DA)(DC)(DC)(DT)(DG) D
3 'polypeptide(L)' CAICGDRSSGKHYGVYSCEGCKGFFKRTVRKDLTYTCRDNKDCLIDKRQRNRCQYCRYQKCLAMGM A
4 'polypeptide(L)'
;DELCVVCGDKATGYHYRCITCEGCKGFFRRTIQKNLHPSYSCKYEGKCVIDKVTRNQCQECRFKKCIYVGMATDLVLDDS
KRLAKRKLIEENREKRRREELEK
;
B
#
loop_
_chem_comp.id
_chem_comp.type
_chem_comp.name
_chem_comp.formula
5IU DNA linking 5-IODO-2'-DEOXYURIDINE-5'-MONOPHOSPHATE 'C9 H12 I N2 O8 P'
DA DNA linking 2'-DEOXYADENOSINE-5'-MONOPHOSPHATE 'C10 H14 N5 O6 P'
DC DNA linking 2'-DEOXYCYTIDINE-5'-MONOPHOSPHATE 'C9 H14 N3 O7 P'
DG DNA linking 2'-DEOXYGUANOSINE-5'-MONOPHOSPHATE 'C10 H14 N5 O7 P'
DT DNA linking THYMIDINE-5'-MONOPHOSPHATE 'C10 H15 N2 O8 P'
ZN non-polymer 'ZINC ION' 'Zn 2'
#
# COMPACT_ATOMS: atom_id res chain seq x y z
N1 5IU A 10 2.63 -8.99 -3.06
C2 5IU A 10 3.20 -8.49 -4.30
N3 5IU A 10 3.23 -9.38 -5.36
C4 5IU A 10 2.77 -10.66 -5.31
C5 5IU A 10 2.19 -11.07 -4.04
C6 5IU A 10 2.15 -10.25 -2.99
O2 5IU A 10 3.55 -7.31 -4.42
O4 5IU A 10 2.88 -11.36 -6.27
I5 5IU A 10 1.24 -12.94 -3.81
C1' 5IU A 10 2.66 -8.11 -1.84
C2' 5IU A 10 1.34 -7.83 -1.13
C3' 5IU A 10 1.83 -7.68 0.32
C4' 5IU A 10 3.27 -8.21 0.36
O3' 5IU A 10 1.84 -6.26 0.72
O4' 5IU A 10 3.51 -8.77 -0.91
C5' 5IU A 10 3.46 -9.23 1.42
O5' 5IU A 10 2.42 -10.22 1.32
P 5IU A 10 2.44 -11.52 2.33
OP1 5IU A 10 2.72 -11.03 3.72
OP2 5IU A 10 1.26 -12.34 2.01
N CYS C 1 16.11 -8.58 17.24
CA CYS C 1 16.56 -7.45 16.37
C CYS C 1 16.36 -6.13 17.12
N ALA C 2 17.42 -5.32 17.13
CA ALA C 2 17.39 -4.02 17.78
C ALA C 2 16.38 -3.08 17.11
N ILE C 3 15.76 -3.54 16.01
CA ILE C 3 14.79 -2.73 15.30
C ILE C 3 13.38 -3.27 15.42
N CYS C 4 13.14 -4.45 14.88
CA CYS C 4 11.82 -5.03 14.94
C CYS C 4 11.76 -6.00 16.12
N GLY C 5 11.00 -7.08 15.96
CA GLY C 5 10.89 -8.06 17.03
C GLY C 5 11.63 -9.34 16.68
N ASP C 6 11.92 -9.49 15.39
CA ASP C 6 12.59 -10.68 14.85
C ASP C 6 14.04 -10.90 15.31
N ARG C 7 14.45 -12.18 15.38
CA ARG C 7 15.79 -12.56 15.81
C ARG C 7 16.88 -11.92 14.94
N SER C 8 18.08 -11.81 15.48
CA SER C 8 19.18 -11.18 14.77
C SER C 8 20.14 -12.17 14.12
N SER C 9 20.47 -11.91 12.86
CA SER C 9 21.41 -12.75 12.12
C SER C 9 22.81 -12.23 12.44
N GLY C 10 23.05 -11.90 13.70
CA GLY C 10 24.35 -11.37 14.07
C GLY C 10 24.35 -9.86 13.88
N LYS C 11 25.54 -9.28 13.75
CA LYS C 11 25.69 -7.84 13.59
C LYS C 11 25.89 -7.42 12.15
N HIS C 12 25.29 -6.29 11.78
CA HIS C 12 25.41 -5.75 10.44
C HIS C 12 25.44 -4.22 10.51
N TYR C 13 26.32 -3.61 9.74
CA TYR C 13 26.46 -2.14 9.69
C TYR C 13 26.67 -1.44 11.03
N GLY C 14 25.58 -1.14 11.73
CA GLY C 14 25.74 -0.46 13.00
C GLY C 14 25.18 -1.13 14.22
N VAL C 15 24.70 -2.36 14.08
CA VAL C 15 24.14 -3.07 15.23
C VAL C 15 23.68 -4.47 14.83
N TYR C 16 23.37 -5.30 15.83
CA TYR C 16 22.87 -6.64 15.55
C TYR C 16 21.46 -6.40 15.01
N SER C 17 21.12 -7.06 13.90
CA SER C 17 19.80 -6.91 13.27
C SER C 17 19.36 -8.16 12.50
N CYS C 18 18.05 -8.24 12.21
CA CYS C 18 17.51 -9.37 11.46
C CYS C 18 17.86 -9.20 9.99
N GLU C 19 17.67 -10.27 9.22
CA GLU C 19 17.96 -10.24 7.80
C GLU C 19 16.94 -9.37 7.08
N GLY C 20 15.80 -9.11 7.74
CA GLY C 20 14.75 -8.28 7.20
C GLY C 20 15.21 -6.85 7.29
N CYS C 21 15.55 -6.40 8.49
CA CYS C 21 16.04 -5.04 8.65
C CYS C 21 17.44 -4.95 8.03
N LYS C 22 18.12 -6.11 7.94
CA LYS C 22 19.43 -6.19 7.31
C LYS C 22 19.26 -5.85 5.82
N GLY C 23 18.50 -6.71 5.11
CA GLY C 23 18.24 -6.51 3.70
C GLY C 23 17.66 -5.13 3.50
N PHE C 24 16.67 -4.78 4.31
CA PHE C 24 16.03 -3.48 4.21
C PHE C 24 17.04 -2.33 4.22
N PHE C 25 17.97 -2.37 5.16
CA PHE C 25 18.96 -1.31 5.27
C PHE C 25 20.04 -1.50 4.23
N LYS C 26 20.24 -2.74 3.81
CA LYS C 26 21.23 -3.06 2.79
C LYS C 26 20.83 -2.41 1.47
N ARG C 27 19.53 -2.41 1.19
CA ARG C 27 18.98 -1.84 -0.04
C ARG C 27 18.83 -0.34 0.05
N THR C 28 18.25 0.10 1.15
CA THR C 28 17.98 1.52 1.39
C THR C 28 19.12 2.46 1.03
N VAL C 29 20.19 2.50 1.83
CA VAL C 29 21.29 3.42 1.53
C VAL C 29 21.90 3.24 0.13
N ARG C 30 21.95 2.02 -0.38
CA ARG C 30 22.46 1.83 -1.74
C ARG C 30 21.50 2.57 -2.66
N LYS C 31 20.44 1.90 -3.13
CA LYS C 31 19.47 2.55 -3.99
C LYS C 31 18.66 3.45 -3.05
N ASP C 32 19.25 4.57 -2.66
CA ASP C 32 18.58 5.48 -1.73
C ASP C 32 17.72 6.60 -2.30
N LEU C 33 16.61 6.82 -1.59
CA LEU C 33 15.61 7.81 -1.90
C LEU C 33 15.28 8.41 -0.52
N THR C 34 14.03 8.77 -0.32
CA THR C 34 13.64 9.38 0.93
C THR C 34 12.25 8.91 1.29
N TYR C 35 12.17 8.07 2.31
CA TYR C 35 10.91 7.57 2.79
C TYR C 35 10.27 8.74 3.49
N THR C 36 8.96 8.68 3.64
CA THR C 36 8.23 9.74 4.27
C THR C 36 7.09 9.05 5.00
N CYS C 37 7.00 9.29 6.30
CA CYS C 37 5.96 8.69 7.10
C CYS C 37 4.62 9.23 6.66
N ARG C 38 3.62 8.38 6.63
CA ARG C 38 2.30 8.85 6.26
C ARG C 38 1.66 9.40 7.52
N ASP C 39 2.29 9.12 8.66
CA ASP C 39 1.74 9.56 9.95
C ASP C 39 2.58 10.53 10.77
N ASN C 40 3.12 10.10 11.90
CA ASN C 40 3.93 11.00 12.71
C ASN C 40 5.01 10.25 13.50
N LYS C 41 5.88 9.55 12.76
CA LYS C 41 6.94 8.73 13.35
C LYS C 41 6.52 8.19 14.72
N ASP C 42 5.50 7.37 14.67
CA ASP C 42 4.91 6.75 15.85
C ASP C 42 4.83 5.26 15.54
N CYS C 43 4.78 4.97 14.25
CA CYS C 43 4.68 3.62 13.75
C CYS C 43 5.61 2.68 14.51
N LEU C 44 5.00 1.84 15.34
CA LEU C 44 5.71 0.86 16.15
C LEU C 44 6.30 -0.22 15.27
N ILE C 45 7.63 -0.25 15.17
CA ILE C 45 8.28 -1.26 14.35
C ILE C 45 8.40 -2.57 15.11
N ASP C 46 7.62 -3.56 14.68
CA ASP C 46 7.64 -4.88 15.29
C ASP C 46 7.54 -5.89 14.18
N LYS C 47 7.72 -7.17 14.48
CA LYS C 47 7.66 -8.20 13.45
C LYS C 47 6.44 -8.14 12.53
N ARG C 48 5.26 -8.03 13.10
CA ARG C 48 4.03 -8.00 12.31
C ARG C 48 3.68 -6.64 11.67
N GLN C 49 4.37 -5.58 12.07
CA GLN C 49 4.12 -4.24 11.55
C GLN C 49 5.28 -3.53 10.87
N ARG C 50 6.46 -4.14 10.84
CA ARG C 50 7.67 -3.52 10.28
C ARG C 50 7.66 -2.98 8.83
N ASN C 51 6.90 -3.63 7.95
CA ASN C 51 6.83 -3.21 6.54
C ASN C 51 5.83 -2.11 6.26
N ARG C 52 5.04 -1.75 7.27
CA ARG C 52 3.99 -0.74 7.15
C ARG C 52 4.51 0.65 6.87
N CYS C 53 5.59 1.01 7.56
CA CYS C 53 6.22 2.32 7.40
C CYS C 53 7.70 2.20 7.18
N GLN C 54 8.15 2.63 6.01
CA GLN C 54 9.57 2.59 5.67
C GLN C 54 10.29 3.77 6.31
N TYR C 55 9.58 4.87 6.56
CA TYR C 55 10.23 6.02 7.20
C TYR C 55 10.68 5.61 8.57
N CYS C 56 9.70 5.33 9.43
CA CYS C 56 9.96 4.90 10.78
C CYS C 56 10.96 3.75 10.84
N ARG C 57 10.81 2.75 9.97
CA ARG C 57 11.75 1.63 9.97
C ARG C 57 13.18 2.06 9.65
N TYR C 58 13.34 2.98 8.71
CA TYR C 58 14.66 3.47 8.33
C TYR C 58 15.23 4.34 9.44
N GLN C 59 14.49 5.38 9.83
CA GLN C 59 14.94 6.24 10.91
C GLN C 59 15.27 5.33 12.08
N LYS C 60 14.40 4.35 12.33
CA LYS C 60 14.61 3.41 13.44
C LYS C 60 15.93 2.70 13.25
N CYS C 61 16.33 2.47 12.01
CA CYS C 61 17.62 1.80 11.75
C CYS C 61 18.83 2.66 12.22
N LEU C 62 18.95 3.85 11.64
CA LEU C 62 20.01 4.78 11.97
C LEU C 62 19.92 5.29 13.41
N ALA C 63 18.70 5.27 13.96
CA ALA C 63 18.46 5.74 15.33
C ALA C 63 19.13 4.84 16.34
N MET C 64 18.89 3.53 16.20
CA MET C 64 19.48 2.56 17.11
C MET C 64 20.93 2.27 16.72
N GLY C 65 21.47 3.11 15.82
CA GLY C 65 22.83 2.92 15.37
C GLY C 65 22.93 1.93 14.22
N MET C 66 23.39 2.43 13.08
CA MET C 66 23.55 1.63 11.88
C MET C 66 24.20 2.53 10.83
N ASP D 1 -5.59 -8.44 9.21
CA ASP D 1 -6.18 -8.63 7.86
C ASP D 1 -7.20 -9.74 7.93
N GLU D 2 -8.41 -9.50 7.42
CA GLU D 2 -9.48 -10.49 7.40
C GLU D 2 -10.75 -9.89 6.83
N LEU D 3 -11.25 -8.82 7.43
CA LEU D 3 -12.47 -8.20 6.91
C LEU D 3 -12.26 -6.76 6.39
N CYS D 4 -12.98 -6.46 5.31
CA CYS D 4 -12.92 -5.15 4.69
C CYS D 4 -13.32 -4.07 5.71
N VAL D 5 -12.47 -3.06 5.90
CA VAL D 5 -12.80 -1.97 6.83
C VAL D 5 -13.89 -1.02 6.28
N VAL D 6 -14.20 -1.09 5.01
CA VAL D 6 -15.24 -0.22 4.47
C VAL D 6 -16.62 -0.89 4.56
N CYS D 7 -16.77 -2.14 4.11
CA CYS D 7 -18.09 -2.78 4.12
C CYS D 7 -18.31 -4.05 4.94
N GLY D 8 -17.23 -4.62 5.47
CA GLY D 8 -17.29 -5.84 6.27
C GLY D 8 -17.18 -7.20 5.57
N ASP D 9 -17.05 -7.19 4.25
CA ASP D 9 -16.93 -8.41 3.46
C ASP D 9 -15.53 -8.98 3.72
N LYS D 10 -15.23 -10.16 3.17
CA LYS D 10 -13.93 -10.78 3.31
C LYS D 10 -12.96 -9.89 2.55
N ALA D 11 -11.79 -9.67 3.12
CA ALA D 11 -10.81 -8.82 2.49
C ALA D 11 -9.72 -9.63 1.80
N THR D 12 -9.03 -9.01 0.84
CA THR D 12 -7.95 -9.65 0.09
C THR D 12 -6.61 -8.94 0.35
N GLY D 13 -6.37 -8.51 1.59
CA GLY D 13 -5.10 -7.87 1.92
C GLY D 13 -5.19 -6.37 1.86
N TYR D 14 -4.04 -5.68 1.89
CA TYR D 14 -4.04 -4.21 1.81
C TYR D 14 -4.21 -3.70 0.38
N HIS D 15 -5.01 -2.64 0.25
CA HIS D 15 -5.25 -2.02 -1.04
C HIS D 15 -5.40 -0.52 -0.71
N TYR D 16 -4.51 0.29 -1.26
CA TYR D 16 -4.51 1.73 -1.05
C TYR D 16 -4.44 2.04 0.42
N ARG D 17 -3.59 1.28 1.09
CA ARG D 17 -3.26 1.39 2.52
C ARG D 17 -4.27 0.82 3.50
N CYS D 18 -5.42 0.32 3.02
CA CYS D 18 -6.44 -0.21 3.91
C CYS D 18 -6.81 -1.65 3.60
N ILE D 19 -7.23 -2.41 4.63
CA ILE D 19 -7.63 -3.81 4.45
C ILE D 19 -9.03 -3.79 3.82
N THR D 20 -9.08 -4.18 2.54
CA THR D 20 -10.34 -4.13 1.82
C THR D 20 -10.57 -5.35 0.96
N CYS D 21 -11.83 -5.47 0.53
CA CYS D 21 -12.29 -6.52 -0.36
C CYS D 21 -12.13 -6.01 -1.82
N GLU D 22 -12.13 -6.95 -2.77
CA GLU D 22 -12.01 -6.66 -4.20
C GLU D 22 -13.04 -5.66 -4.69
N GLY D 23 -14.19 -5.66 -3.99
CA GLY D 23 -15.31 -4.77 -4.30
C GLY D 23 -14.97 -3.32 -4.05
N CYS D 24 -14.54 -3.01 -2.82
CA CYS D 24 -14.19 -1.65 -2.47
C CYS D 24 -12.90 -1.20 -3.15
N LYS D 25 -11.97 -2.13 -3.36
CA LYS D 25 -10.73 -1.86 -4.08
C LYS D 25 -11.00 -1.38 -5.54
N GLY D 26 -11.85 -2.11 -6.26
CA GLY D 26 -12.18 -1.79 -7.64
C GLY D 26 -12.92 -0.49 -7.78
N PHE D 27 -13.91 -0.31 -6.91
CA PHE D 27 -14.74 0.88 -6.85
C PHE D 27 -13.86 2.10 -6.63
N PHE D 28 -12.99 2.05 -5.61
CA PHE D 28 -12.08 3.17 -5.28
C PHE D 28 -11.16 3.56 -6.47
N ARG D 29 -10.48 2.55 -7.01
CA ARG D 29 -9.56 2.67 -8.14
C ARG D 29 -10.26 3.37 -9.30
N ARG D 30 -11.44 2.88 -9.68
CA ARG D 30 -12.17 3.47 -10.81
C ARG D 30 -12.71 4.87 -10.58
N THR D 31 -13.06 5.18 -9.33
CA THR D 31 -13.56 6.52 -8.97
C THR D 31 -12.43 7.55 -9.09
N ILE D 32 -11.24 7.17 -8.61
CA ILE D 32 -10.08 8.04 -8.67
C ILE D 32 -9.57 8.16 -10.12
N GLN D 33 -9.35 7.03 -10.78
CA GLN D 33 -8.91 7.00 -12.17
C GLN D 33 -9.76 7.91 -13.06
N LYS D 34 -11.08 7.76 -13.00
CA LYS D 34 -11.96 8.58 -13.82
C LYS D 34 -12.52 9.85 -13.17
N ASN D 35 -12.04 10.20 -11.98
CA ASN D 35 -12.55 11.39 -11.28
C ASN D 35 -14.09 11.39 -11.21
N LEU D 36 -14.69 10.24 -10.87
CA LEU D 36 -16.15 10.11 -10.80
C LEU D 36 -16.85 10.71 -9.58
N HIS D 37 -16.09 10.98 -8.52
CA HIS D 37 -16.69 11.51 -7.28
C HIS D 37 -17.62 12.73 -7.35
N PRO D 38 -17.23 13.80 -8.09
CA PRO D 38 -18.07 14.98 -8.20
C PRO D 38 -19.52 14.67 -8.64
N SER D 39 -19.70 13.66 -9.48
CA SER D 39 -21.02 13.28 -9.94
C SER D 39 -21.77 12.42 -8.93
N TYR D 40 -21.06 11.93 -7.92
CA TYR D 40 -21.69 11.11 -6.87
C TYR D 40 -22.56 12.04 -6.00
N SER D 41 -23.84 11.69 -5.86
CA SER D 41 -24.75 12.50 -5.07
C SER D 41 -25.73 11.62 -4.30
N CYS D 42 -25.60 11.64 -2.97
CA CYS D 42 -26.45 10.86 -2.08
C CYS D 42 -27.85 11.37 -2.29
N LYS D 43 -28.85 10.49 -2.38
CA LYS D 43 -30.19 11.02 -2.58
C LYS D 43 -31.01 11.26 -1.31
N TYR D 44 -30.33 11.32 -0.18
CA TYR D 44 -31.01 11.65 1.07
C TYR D 44 -30.07 12.54 1.88
N GLU D 45 -29.64 12.02 3.03
CA GLU D 45 -28.68 12.73 3.87
C GLU D 45 -27.57 11.68 3.88
N GLY D 46 -26.32 12.12 3.80
CA GLY D 46 -25.20 11.19 3.77
C GLY D 46 -25.01 10.28 4.98
N LYS D 47 -26.04 9.53 5.33
CA LYS D 47 -26.01 8.66 6.47
C LYS D 47 -26.25 7.22 6.08
N CYS D 48 -26.32 6.94 4.78
CA CYS D 48 -26.57 5.57 4.27
C CYS D 48 -25.70 4.49 4.87
N VAL D 49 -26.27 3.31 5.08
CA VAL D 49 -25.50 2.19 5.61
C VAL D 49 -24.73 1.45 4.51
N ILE D 50 -23.43 1.27 4.76
CA ILE D 50 -22.54 0.58 3.83
C ILE D 50 -22.07 -0.71 4.46
N ASP D 51 -22.67 -1.82 4.05
CA ASP D 51 -22.23 -3.13 4.52
C ASP D 51 -22.15 -4.05 3.33
N LYS D 52 -21.60 -5.25 3.51
CA LYS D 52 -21.39 -6.19 2.41
C LYS D 52 -22.57 -6.47 1.49
N VAL D 53 -23.76 -6.02 1.89
CA VAL D 53 -24.93 -6.24 1.06
C VAL D 53 -25.50 -4.95 0.48
N THR D 54 -25.39 -3.85 1.24
CA THR D 54 -25.93 -2.57 0.81
C THR D 54 -24.95 -1.60 0.15
N ARG D 55 -23.67 -2.02 0.05
CA ARG D 55 -22.58 -1.17 -0.48
C ARG D 55 -22.78 -0.47 -1.83
N ASN D 56 -23.56 -1.09 -2.70
CA ASN D 56 -23.83 -0.52 -4.04
C ASN D 56 -25.05 0.45 -4.13
N GLN D 57 -25.84 0.53 -3.04
CA GLN D 57 -27.02 1.40 -2.95
C GLN D 57 -26.79 2.92 -3.00
N CYS D 58 -25.64 3.38 -2.53
CA CYS D 58 -25.34 4.80 -2.57
C CYS D 58 -23.87 4.99 -2.83
N GLN D 59 -23.57 5.43 -4.05
CA GLN D 59 -22.18 5.62 -4.45
C GLN D 59 -21.42 6.68 -3.67
N GLU D 60 -22.10 7.77 -3.31
CA GLU D 60 -21.43 8.82 -2.55
C GLU D 60 -21.05 8.39 -1.16
N CYS D 61 -21.98 7.73 -0.47
CA CYS D 61 -21.72 7.27 0.90
C CYS D 61 -20.62 6.20 0.90
N ARG D 62 -20.58 5.36 -0.13
CA ARG D 62 -19.54 4.34 -0.21
C ARG D 62 -18.21 5.03 -0.41
N PHE D 63 -18.11 6.04 -1.26
CA PHE D 63 -16.84 6.74 -1.47
C PHE D 63 -16.44 7.57 -0.23
N LYS D 64 -17.38 8.25 0.39
CA LYS D 64 -17.03 9.01 1.58
C LYS D 64 -16.55 8.09 2.71
N LYS D 65 -17.08 6.87 2.75
CA LYS D 65 -16.62 5.88 3.73
C LYS D 65 -15.18 5.42 3.35
N CYS D 66 -14.89 5.19 2.06
CA CYS D 66 -13.51 4.80 1.66
C CYS D 66 -12.50 5.91 2.09
N ILE D 67 -12.88 7.17 1.91
CA ILE D 67 -12.00 8.25 2.31
C ILE D 67 -11.84 8.27 3.84
N TYR D 68 -12.95 8.28 4.57
CA TYR D 68 -12.91 8.29 6.02
C TYR D 68 -11.95 7.26 6.64
N VAL D 69 -12.01 6.02 6.19
CA VAL D 69 -11.15 4.95 6.73
C VAL D 69 -9.69 5.09 6.36
N GLY D 70 -9.40 5.98 5.43
CA GLY D 70 -8.02 6.21 5.07
C GLY D 70 -7.50 5.70 3.74
N MET D 71 -8.38 5.38 2.80
CA MET D 71 -7.86 4.91 1.51
C MET D 71 -7.13 6.06 0.79
N ALA D 72 -5.87 5.77 0.42
CA ALA D 72 -4.93 6.68 -0.25
C ALA D 72 -5.15 6.89 -1.78
N THR D 73 -5.86 7.97 -2.11
CA THR D 73 -6.14 8.36 -3.50
C THR D 73 -4.82 8.61 -4.26
N ASP D 74 -3.70 8.73 -3.53
CA ASP D 74 -2.42 8.99 -4.16
C ASP D 74 -1.71 7.72 -4.59
N LEU D 75 -2.30 6.60 -4.28
CA LEU D 75 -1.67 5.36 -4.65
C LEU D 75 -2.31 4.81 -5.93
N VAL D 76 -3.24 5.61 -6.45
CA VAL D 76 -3.91 5.30 -7.69
C VAL D 76 -3.07 6.12 -8.68
N LEU D 77 -2.28 5.40 -9.47
CA LEU D 77 -1.36 5.96 -10.49
C LEU D 77 -2.00 6.95 -11.45
N ASP D 78 -1.37 8.10 -11.65
CA ASP D 78 -1.90 9.06 -12.60
C ASP D 78 -1.61 8.50 -14.00
N ASP D 79 -2.11 9.18 -15.04
CA ASP D 79 -1.91 8.74 -16.42
C ASP D 79 -0.47 8.50 -16.84
N SER D 80 0.47 9.34 -16.41
CA SER D 80 1.86 9.15 -16.77
C SER D 80 2.45 7.89 -16.15
N LYS D 81 2.11 7.61 -14.89
CA LYS D 81 2.59 6.43 -14.17
C LYS D 81 1.85 5.15 -14.60
N ARG D 82 0.57 5.28 -14.95
CA ARG D 82 -0.20 4.15 -15.42
C ARG D 82 0.32 3.72 -16.83
N LEU D 83 0.51 4.70 -17.71
CA LEU D 83 0.97 4.44 -19.07
C LEU D 83 2.37 3.91 -19.10
N ALA D 84 3.19 4.37 -18.18
CA ALA D 84 4.57 3.91 -18.07
C ALA D 84 4.60 2.44 -17.72
N LYS D 85 3.66 2.03 -16.87
CA LYS D 85 3.52 0.64 -16.43
C LYS D 85 3.12 -0.28 -17.56
N ARG D 86 2.14 0.13 -18.37
CA ARG D 86 1.70 -0.65 -19.52
C ARG D 86 2.81 -0.78 -20.54
N LYS D 87 3.53 0.33 -20.75
CA LYS D 87 4.63 0.41 -21.68
C LYS D 87 5.67 -0.61 -21.26
N LEU D 88 6.02 -0.57 -19.98
CA LEU D 88 7.00 -1.50 -19.41
C LEU D 88 6.64 -2.97 -19.60
N ILE D 89 5.39 -3.31 -19.29
CA ILE D 89 4.91 -4.68 -19.38
C ILE D 89 4.89 -5.17 -20.83
N GLU D 90 4.42 -4.30 -21.73
CA GLU D 90 4.38 -4.67 -23.13
C GLU D 90 5.77 -4.93 -23.68
N GLU D 91 6.70 -3.99 -23.44
CA GLU D 91 8.06 -4.12 -23.93
C GLU D 91 8.84 -5.23 -23.23
N ASN D 92 8.49 -5.52 -21.99
CA ASN D 92 9.13 -6.59 -21.27
C ASN D 92 8.78 -7.89 -21.96
N ARG D 93 7.54 -8.01 -22.42
CA ARG D 93 7.11 -9.20 -23.15
C ARG D 93 8.06 -9.60 -24.31
N GLU D 94 9.15 -8.81 -24.49
CA GLU D 94 10.28 -9.01 -25.45
C GLU D 94 11.15 -10.24 -25.02
N LYS D 95 10.64 -10.96 -24.02
CA LYS D 95 11.24 -12.19 -23.58
C LYS D 95 11.01 -13.05 -24.85
N ARG D 96 10.01 -12.71 -25.64
CA ARG D 96 9.75 -13.44 -26.89
C ARG D 96 10.98 -13.51 -27.80
N ARG D 97 11.61 -12.38 -28.09
CA ARG D 97 12.78 -12.39 -28.96
C ARG D 97 13.95 -13.20 -28.35
N ARG D 98 14.03 -13.24 -27.02
CA ARG D 98 15.09 -14.00 -26.37
C ARG D 98 14.79 -15.51 -26.46
N GLU D 99 13.54 -15.90 -26.24
CA GLU D 99 13.12 -17.30 -26.33
C GLU D 99 13.63 -17.87 -27.63
N GLU D 100 13.39 -17.14 -28.70
CA GLU D 100 13.80 -17.52 -30.04
C GLU D 100 15.30 -17.32 -30.27
N LEU D 101 15.94 -16.62 -29.33
CA LEU D 101 17.38 -16.41 -29.41
C LEU D 101 18.09 -17.63 -28.80
N GLU D 102 17.44 -18.30 -27.82
CA GLU D 102 18.03 -19.49 -27.18
C GLU D 102 18.49 -20.33 -28.34
N LYS D 103 17.50 -20.79 -29.12
CA LYS D 103 17.65 -21.60 -30.33
C LYS D 103 16.25 -21.98 -30.86
ZN ZN E . 14.41 -6.65 12.26
ZN ZN F . 5.87 6.14 10.13
ZN ZN G . -15.55 -3.85 1.01
ZN ZN H . -26.07 8.09 0.73
#